data_6EEP
#
_entry.id   6EEP
#
_cell.length_a   104.630
_cell.length_b   67.930
_cell.length_c   74.000
_cell.angle_alpha   90.000
_cell.angle_beta   119.540
_cell.angle_gamma   90.000
#
_symmetry.space_group_name_H-M   'C 1 2 1'
#
loop_
_entity.id
_entity.type
_entity.pdbx_description
1 polymer 'Ribose-5-phosphate isomerase A'
2 non-polymer 'SODIUM ION'
3 water water
#
_entity_poly.entity_id   1
_entity_poly.type   'polypeptide(L)'
_entity_poly.pdbx_seq_one_letter_code
;HHMSELKIKAAKAAIAYIEDDMVIGVGTGSTVNFFIKELAAIKHKIEACVASSKATEALLRAEGIPVIDLNSVQDLPIYV
DGADEVNERGEMIKGGGGALTREKIVANVATQFICIVDESKVVKRLGEFPVAVEVIPMARSFVARQIVKLGGDPEYREGF
VTDNGNIILDVFNLSFSTPMALEDSLNVIPGVVENGVFAKRLADKVLVASASGVNNLK
;
_entity_poly.pdbx_strand_id   A,B
#
loop_
_chem_comp.id
_chem_comp.type
_chem_comp.name
_chem_comp.formula
NA non-polymer 'SODIUM ION' 'Na 1'
#
# COMPACT_ATOMS: atom_id res chain seq x y z
N HIS A 1 -1.70 -27.96 -30.52
CA HIS A 1 -0.99 -26.74 -30.17
C HIS A 1 -0.74 -26.64 -28.67
N HIS A 2 0.53 -26.73 -28.28
CA HIS A 2 0.93 -26.50 -26.90
C HIS A 2 0.42 -25.14 -26.43
N MET A 3 0.15 -25.05 -25.13
CA MET A 3 0.03 -23.74 -24.50
C MET A 3 1.26 -22.90 -24.80
N SER A 4 2.45 -23.53 -24.79
CA SER A 4 3.69 -22.81 -25.06
C SER A 4 3.66 -22.17 -26.45
N GLU A 5 3.19 -22.92 -27.44
CA GLU A 5 3.13 -22.36 -28.79
C GLU A 5 2.24 -21.12 -28.84
N LEU A 6 1.11 -21.16 -28.14
CA LEU A 6 0.23 -19.99 -28.11
C LEU A 6 0.91 -18.79 -27.46
N LYS A 7 1.53 -18.99 -26.30
CA LYS A 7 2.20 -17.88 -25.62
CA LYS A 7 2.20 -17.88 -25.62
C LYS A 7 3.29 -17.29 -26.50
N ILE A 8 4.02 -18.13 -27.24
CA ILE A 8 5.09 -17.66 -28.11
C ILE A 8 4.53 -16.77 -29.22
N LYS A 9 3.45 -17.22 -29.88
CA LYS A 9 2.78 -16.40 -30.89
C LYS A 9 2.39 -15.03 -30.34
N ALA A 10 1.79 -15.02 -29.14
CA ALA A 10 1.44 -13.74 -28.53
C ALA A 10 2.67 -12.90 -28.26
N ALA A 11 3.75 -13.53 -27.75
CA ALA A 11 4.98 -12.80 -27.47
C ALA A 11 5.55 -12.18 -28.75
N LYS A 12 5.62 -12.97 -29.83
CA LYS A 12 6.11 -12.44 -31.08
C LYS A 12 5.23 -11.34 -31.63
N ALA A 13 3.91 -11.42 -31.38
CA ALA A 13 3.03 -10.34 -31.85
C ALA A 13 3.35 -9.03 -31.16
N ALA A 14 3.71 -9.07 -29.87
CA ALA A 14 4.07 -7.85 -29.15
C ALA A 14 5.36 -7.24 -29.65
N ILE A 15 6.31 -8.07 -30.10
CA ILE A 15 7.61 -7.56 -30.54
C ILE A 15 7.43 -6.59 -31.70
N ALA A 16 6.35 -6.76 -32.47
CA ALA A 16 6.09 -5.89 -33.62
C ALA A 16 5.89 -4.44 -33.21
N TYR A 17 5.60 -4.18 -31.95
CA TYR A 17 5.37 -2.83 -31.44
C TYR A 17 6.62 -2.19 -30.84
N ILE A 18 7.71 -2.94 -30.75
CA ILE A 18 8.94 -2.41 -30.17
C ILE A 18 9.69 -1.63 -31.23
N GLU A 19 10.05 -0.39 -30.92
CA GLU A 19 10.81 0.47 -31.82
C GLU A 19 12.23 0.67 -31.28
N ASP A 20 13.13 1.05 -32.19
CA ASP A 20 14.52 1.28 -31.82
C ASP A 20 14.63 2.27 -30.67
N ASP A 21 15.56 2.00 -29.75
CA ASP A 21 15.94 2.91 -28.66
C ASP A 21 14.83 3.13 -27.64
N MET A 22 13.86 2.25 -27.54
CA MET A 22 12.82 2.40 -26.54
C MET A 22 13.30 1.94 -25.17
N VAL A 23 12.72 2.51 -24.13
CA VAL A 23 12.70 1.87 -22.82
C VAL A 23 11.43 1.04 -22.75
N ILE A 24 11.54 -0.22 -22.33
CA ILE A 24 10.44 -1.17 -22.41
C ILE A 24 10.09 -1.65 -21.00
N GLY A 25 8.84 -1.45 -20.58
CA GLY A 25 8.38 -2.06 -19.33
C GLY A 25 8.01 -3.51 -19.57
N VAL A 26 8.43 -4.38 -18.65
CA VAL A 26 8.26 -5.82 -18.82
C VAL A 26 7.49 -6.40 -17.65
N GLY A 27 6.43 -7.16 -17.94
CA GLY A 27 5.60 -7.77 -16.92
C GLY A 27 6.22 -9.00 -16.30
N THR A 28 5.36 -9.92 -15.82
CA THR A 28 5.80 -11.16 -15.19
C THR A 28 4.95 -12.32 -15.69
N GLY A 29 5.49 -13.52 -15.53
CA GLY A 29 4.75 -14.74 -15.80
C GLY A 29 5.30 -15.47 -17.02
N SER A 30 4.69 -16.62 -17.30
CA SER A 30 5.25 -17.53 -18.29
C SER A 30 5.08 -17.00 -19.70
N THR A 31 3.99 -16.27 -19.96
CA THR A 31 3.81 -15.67 -21.28
C THR A 31 4.83 -14.55 -21.50
N VAL A 32 5.01 -13.71 -20.49
CA VAL A 32 6.01 -12.65 -20.58
C VAL A 32 7.41 -13.24 -20.70
N ASN A 33 7.67 -14.39 -20.06
CA ASN A 33 8.99 -14.99 -20.14
C ASN A 33 9.35 -15.42 -21.57
N PHE A 34 8.35 -15.80 -22.38
CA PHE A 34 8.63 -16.04 -23.79
C PHE A 34 8.91 -14.73 -24.52
N PHE A 35 8.25 -13.65 -24.10
CA PHE A 35 8.54 -12.34 -24.67
C PHE A 35 9.96 -11.90 -24.35
N ILE A 36 10.44 -12.22 -23.15
CA ILE A 36 11.81 -11.87 -22.76
C ILE A 36 12.81 -12.53 -23.71
N LYS A 37 12.55 -13.78 -24.08
CA LYS A 37 13.45 -14.43 -25.05
C LYS A 37 13.33 -13.78 -26.43
N GLU A 38 12.17 -13.24 -26.79
CA GLU A 38 12.06 -12.49 -28.03
C GLU A 38 12.81 -11.16 -27.94
N LEU A 39 12.74 -10.51 -26.79
CA LEU A 39 13.48 -9.26 -26.60
C LEU A 39 14.98 -9.48 -26.69
N ALA A 40 15.47 -10.62 -26.19
CA ALA A 40 16.92 -10.83 -26.24
C ALA A 40 17.44 -10.80 -27.67
N ALA A 41 16.64 -11.25 -28.63
CA ALA A 41 17.07 -11.26 -30.02
C ALA A 41 17.25 -9.85 -30.58
N ILE A 42 16.61 -8.85 -29.98
CA ILE A 42 16.75 -7.48 -30.46
C ILE A 42 17.35 -6.57 -29.40
N LYS A 43 18.06 -7.14 -28.41
CA LYS A 43 18.47 -6.35 -27.25
C LYS A 43 19.39 -5.19 -27.64
N HIS A 44 20.11 -5.30 -28.76
CA HIS A 44 20.96 -4.20 -29.19
C HIS A 44 20.17 -2.97 -29.58
N LYS A 45 18.92 -3.15 -30.03
CA LYS A 45 18.07 -2.04 -30.45
C LYS A 45 17.27 -1.43 -29.30
N ILE A 46 17.49 -1.90 -28.08
CA ILE A 46 16.76 -1.48 -26.90
C ILE A 46 17.63 -0.56 -26.08
N GLU A 47 17.03 0.48 -25.48
CA GLU A 47 17.76 1.27 -24.50
C GLU A 47 17.91 0.49 -23.20
N ALA A 48 16.80 0.04 -22.62
CA ALA A 48 16.78 -0.65 -21.34
C ALA A 48 15.36 -1.14 -21.08
N CYS A 49 15.22 -1.99 -20.07
CA CYS A 49 13.93 -2.47 -19.61
C CYS A 49 13.67 -2.07 -18.17
N VAL A 50 12.40 -1.83 -17.88
CA VAL A 50 11.91 -1.70 -16.51
C VAL A 50 11.24 -3.02 -16.15
N ALA A 51 11.59 -3.58 -14.99
CA ALA A 51 11.12 -4.91 -14.58
C ALA A 51 10.05 -4.80 -13.48
N SER A 52 8.92 -5.49 -13.67
CA SER A 52 7.84 -5.50 -12.70
CA SER A 52 7.84 -5.50 -12.70
C SER A 52 8.05 -6.53 -11.60
N SER A 53 9.14 -7.30 -11.62
CA SER A 53 9.42 -8.20 -10.52
C SER A 53 10.90 -8.50 -10.48
N LYS A 54 11.34 -9.01 -9.32
CA LYS A 54 12.74 -9.42 -9.19
C LYS A 54 13.04 -10.62 -10.08
N ALA A 55 12.07 -11.52 -10.26
CA ALA A 55 12.27 -12.65 -11.17
C ALA A 55 12.42 -12.17 -12.60
N THR A 56 11.56 -11.25 -13.03
CA THR A 56 11.69 -10.69 -14.36
C THR A 56 13.03 -9.97 -14.54
N GLU A 57 13.46 -9.23 -13.52
CA GLU A 57 14.79 -8.60 -13.57
C GLU A 57 15.88 -9.63 -13.79
N ALA A 58 15.83 -10.76 -13.07
CA ALA A 58 16.86 -11.77 -13.21
C ALA A 58 16.86 -12.38 -14.59
N LEU A 59 15.67 -12.60 -15.17
CA LEU A 59 15.60 -13.17 -16.51
CA LEU A 59 15.58 -13.16 -16.52
C LEU A 59 16.11 -12.17 -17.55
N LEU A 60 15.73 -10.89 -17.41
CA LEU A 60 16.25 -9.87 -18.32
C LEU A 60 17.78 -9.79 -18.24
N ARG A 61 18.32 -9.76 -17.02
CA ARG A 61 19.77 -9.62 -16.88
C ARG A 61 20.50 -10.84 -17.41
N ALA A 62 19.90 -12.04 -17.28
CA ALA A 62 20.60 -13.21 -17.80
C ALA A 62 20.64 -13.21 -19.32
N GLU A 63 19.74 -12.48 -19.97
CA GLU A 63 19.77 -12.29 -21.42
C GLU A 63 20.67 -11.17 -21.87
N GLY A 64 21.36 -10.50 -20.93
CA GLY A 64 22.14 -9.35 -21.31
C GLY A 64 21.33 -8.13 -21.69
N ILE A 65 20.07 -8.05 -21.25
CA ILE A 65 19.23 -6.89 -21.50
C ILE A 65 19.42 -5.86 -20.39
N PRO A 66 19.72 -4.60 -20.71
CA PRO A 66 19.94 -3.61 -19.64
C PRO A 66 18.63 -3.33 -18.91
N VAL A 67 18.74 -3.23 -17.59
CA VAL A 67 17.64 -2.94 -16.68
C VAL A 67 17.92 -1.59 -16.04
N ILE A 68 16.87 -0.79 -15.87
CA ILE A 68 17.01 0.50 -15.21
C ILE A 68 15.88 0.67 -14.20
N ASP A 69 16.17 1.45 -13.16
CA ASP A 69 15.18 1.73 -12.13
C ASP A 69 14.07 2.62 -12.67
N LEU A 70 12.83 2.31 -12.26
CA LEU A 70 11.69 3.09 -12.74
C LEU A 70 11.80 4.56 -12.35
N ASN A 71 12.48 4.87 -11.23
CA ASN A 71 12.60 6.27 -10.81
C ASN A 71 13.50 7.08 -11.73
N SER A 72 14.30 6.44 -12.56
CA SER A 72 15.09 7.16 -13.53
CA SER A 72 15.11 7.13 -13.54
C SER A 72 14.40 7.30 -14.88
N VAL A 73 13.17 6.80 -14.99
CA VAL A 73 12.38 6.84 -16.20
C VAL A 73 11.19 7.77 -15.99
N GLN A 74 10.97 8.67 -16.94
CA GLN A 74 9.69 9.34 -17.07
C GLN A 74 8.97 8.99 -18.35
N ASP A 75 9.70 8.77 -19.46
CA ASP A 75 9.12 8.44 -20.76
C ASP A 75 9.23 6.92 -20.96
N LEU A 76 8.12 6.23 -20.76
CA LEU A 76 8.05 4.78 -20.87
C LEU A 76 6.98 4.45 -21.90
N PRO A 77 7.35 4.24 -23.16
CA PRO A 77 6.33 4.19 -24.21
C PRO A 77 5.48 2.93 -24.19
N ILE A 78 6.02 1.79 -23.74
CA ILE A 78 5.33 0.50 -23.83
CA ILE A 78 5.28 0.53 -23.80
C ILE A 78 5.52 -0.28 -22.54
N TYR A 79 4.50 -1.04 -22.16
CA TYR A 79 4.53 -2.02 -21.09
C TYR A 79 3.87 -3.28 -21.63
N VAL A 80 4.56 -4.42 -21.57
CA VAL A 80 4.09 -5.68 -22.13
C VAL A 80 3.91 -6.66 -20.97
N ASP A 81 2.72 -7.22 -20.84
CA ASP A 81 2.42 -8.06 -19.67
C ASP A 81 1.23 -8.95 -20.02
N GLY A 82 1.08 -10.01 -19.24
CA GLY A 82 -0.05 -10.90 -19.39
C GLY A 82 -1.17 -10.56 -18.43
N ALA A 83 -2.10 -11.50 -18.27
CA ALA A 83 -3.21 -11.29 -17.35
C ALA A 83 -3.80 -12.64 -16.98
N ASP A 84 -4.46 -12.69 -15.84
CA ASP A 84 -5.16 -13.92 -15.50
C ASP A 84 -6.55 -13.96 -16.14
N GLU A 85 -7.22 -12.80 -16.20
CA GLU A 85 -8.41 -12.63 -17.02
C GLU A 85 -8.29 -11.30 -17.74
N VAL A 86 -8.88 -11.22 -18.94
CA VAL A 86 -8.96 -9.97 -19.66
C VAL A 86 -10.24 -10.01 -20.48
N ASN A 87 -10.89 -8.86 -20.63
CA ASN A 87 -12.06 -8.77 -21.48
C ASN A 87 -11.80 -7.79 -22.62
N GLU A 88 -12.81 -7.67 -23.46
CA GLU A 88 -12.72 -6.85 -24.67
C GLU A 88 -12.51 -5.38 -24.35
N ARG A 89 -12.92 -4.94 -23.17
CA ARG A 89 -12.69 -3.57 -22.73
CA ARG A 89 -12.69 -3.56 -22.75
C ARG A 89 -11.24 -3.32 -22.32
N GLY A 90 -10.45 -4.37 -22.15
CA GLY A 90 -9.12 -4.22 -21.61
C GLY A 90 -9.05 -4.21 -20.11
N GLU A 91 -10.18 -4.43 -19.43
CA GLU A 91 -10.13 -4.65 -17.99
C GLU A 91 -9.55 -6.03 -17.71
N MET A 92 -8.81 -6.14 -16.61
CA MET A 92 -8.07 -7.35 -16.32
C MET A 92 -8.18 -7.70 -14.85
N ILE A 93 -8.09 -9.00 -14.55
CA ILE A 93 -7.69 -9.46 -13.22
C ILE A 93 -6.26 -9.95 -13.32
N LYS A 94 -5.41 -9.49 -12.42
CA LYS A 94 -3.99 -9.81 -12.44
C LYS A 94 -3.58 -10.24 -11.03
N GLY A 95 -2.33 -10.71 -10.94
CA GLY A 95 -1.75 -11.04 -9.64
C GLY A 95 -1.73 -12.49 -9.25
N GLY A 96 -2.14 -13.42 -10.13
CA GLY A 96 -1.96 -14.84 -9.83
C GLY A 96 -0.53 -15.17 -9.40
N GLY A 97 0.47 -14.54 -10.05
CA GLY A 97 1.86 -14.71 -9.68
C GLY A 97 2.35 -13.86 -8.53
N GLY A 98 1.49 -13.02 -7.96
CA GLY A 98 1.84 -12.28 -6.76
C GLY A 98 2.61 -10.98 -6.98
N ALA A 99 2.77 -10.54 -8.22
CA ALA A 99 3.57 -9.34 -8.53
C ALA A 99 2.71 -8.16 -8.96
N LEU A 100 1.42 -8.18 -8.63
CA LEU A 100 0.48 -7.16 -9.11
C LEU A 100 0.83 -5.74 -8.68
N THR A 101 1.58 -5.56 -7.59
CA THR A 101 1.82 -4.20 -7.12
C THR A 101 2.80 -3.48 -8.04
N ARG A 102 3.98 -4.09 -8.26
CA ARG A 102 4.89 -3.46 -9.20
C ARG A 102 4.34 -3.50 -10.62
N GLU A 103 3.57 -4.53 -10.97
CA GLU A 103 2.93 -4.55 -12.28
C GLU A 103 2.09 -3.29 -12.49
N LYS A 104 1.23 -2.96 -11.52
CA LYS A 104 0.34 -1.81 -11.72
C LYS A 104 1.12 -0.49 -11.76
N ILE A 105 2.18 -0.38 -10.98
CA ILE A 105 2.98 0.84 -10.96
C ILE A 105 3.62 1.07 -12.32
N VAL A 106 4.32 0.05 -12.85
CA VAL A 106 4.94 0.20 -14.16
C VAL A 106 3.89 0.47 -15.23
N ALA A 107 2.76 -0.25 -15.17
CA ALA A 107 1.73 -0.04 -16.18
C ALA A 107 1.23 1.40 -16.16
N ASN A 108 1.23 2.02 -14.98
CA ASN A 108 0.73 3.39 -14.87
C ASN A 108 1.74 4.41 -15.36
N VAL A 109 3.04 4.11 -15.27
CA VAL A 109 4.01 5.00 -15.89
C VAL A 109 4.00 4.81 -17.41
N ALA A 110 3.74 3.61 -17.90
CA ALA A 110 3.84 3.38 -19.34
C ALA A 110 2.70 4.06 -20.09
N THR A 111 3.02 4.51 -21.30
CA THR A 111 1.99 5.13 -22.16
C THR A 111 1.05 4.08 -22.74
N GLN A 112 1.61 3.02 -23.34
CA GLN A 112 0.83 1.98 -24.01
C GLN A 112 0.99 0.64 -23.28
N PHE A 113 -0.12 0.05 -22.84
CA PHE A 113 -0.10 -1.23 -22.14
C PHE A 113 -0.56 -2.29 -23.15
N ILE A 114 0.37 -3.16 -23.56
CA ILE A 114 0.09 -4.26 -24.47
CA ILE A 114 0.07 -4.26 -24.46
C ILE A 114 -0.12 -5.52 -23.64
N CYS A 115 -1.32 -6.10 -23.70
CA CYS A 115 -1.63 -7.32 -22.96
C CYS A 115 -1.52 -8.51 -23.92
N ILE A 116 -0.68 -9.48 -23.57
CA ILE A 116 -0.48 -10.67 -24.41
C ILE A 116 -1.03 -11.88 -23.66
N VAL A 117 -1.95 -12.59 -24.29
CA VAL A 117 -2.58 -13.76 -23.66
C VAL A 117 -2.80 -14.85 -24.70
N ASP A 118 -2.86 -16.09 -24.22
CA ASP A 118 -3.50 -17.13 -24.98
C ASP A 118 -5.02 -17.05 -24.76
N GLU A 119 -5.78 -17.72 -25.62
CA GLU A 119 -7.22 -17.52 -25.63
C GLU A 119 -7.89 -17.90 -24.31
N SER A 120 -7.26 -18.73 -23.47
CA SER A 120 -7.90 -19.12 -22.21
C SER A 120 -7.97 -17.99 -21.20
N LYS A 121 -7.23 -16.89 -21.39
CA LYS A 121 -7.33 -15.77 -20.46
C LYS A 121 -8.52 -14.86 -20.75
N VAL A 122 -9.14 -14.99 -21.92
CA VAL A 122 -10.20 -14.07 -22.33
C VAL A 122 -11.51 -14.52 -21.72
N VAL A 123 -12.22 -13.59 -21.07
CA VAL A 123 -13.53 -13.85 -20.52
C VAL A 123 -14.50 -12.78 -21.01
N LYS A 124 -15.78 -13.15 -21.03
CA LYS A 124 -16.82 -12.16 -21.32
C LYS A 124 -17.08 -11.25 -20.13
N ARG A 125 -16.98 -11.78 -18.90
CA ARG A 125 -17.17 -11.01 -17.68
C ARG A 125 -16.12 -11.41 -16.65
N LEU A 126 -15.42 -10.43 -16.09
CA LEU A 126 -14.41 -10.68 -15.07
C LEU A 126 -15.05 -11.25 -13.80
N GLY A 127 -14.26 -12.01 -13.04
CA GLY A 127 -14.74 -12.41 -11.74
C GLY A 127 -14.50 -13.83 -11.25
N GLU A 128 -14.37 -14.81 -12.16
CA GLU A 128 -14.15 -16.18 -11.72
C GLU A 128 -12.77 -16.36 -11.07
N PHE A 129 -11.74 -15.79 -11.69
CA PHE A 129 -10.41 -15.83 -11.11
C PHE A 129 -10.36 -14.92 -9.88
N PRO A 130 -9.75 -15.36 -8.78
CA PRO A 130 -9.71 -14.51 -7.58
C PRO A 130 -8.86 -13.26 -7.77
N VAL A 131 -9.14 -12.27 -6.93
CA VAL A 131 -8.37 -11.01 -6.88
C VAL A 131 -7.31 -11.14 -5.80
N ALA A 132 -6.04 -11.14 -6.19
CA ALA A 132 -4.95 -11.05 -5.22
C ALA A 132 -4.91 -9.66 -4.60
N VAL A 133 -4.86 -9.60 -3.27
CA VAL A 133 -4.67 -8.34 -2.56
C VAL A 133 -3.39 -8.43 -1.74
N GLU A 134 -2.48 -7.48 -1.96
CA GLU A 134 -1.22 -7.42 -1.23
C GLU A 134 -1.43 -6.65 0.07
N VAL A 135 -0.96 -7.22 1.19
CA VAL A 135 -1.35 -6.77 2.53
C VAL A 135 -0.12 -6.68 3.43
N ILE A 136 0.01 -5.57 4.15
CA ILE A 136 1.03 -5.43 5.20
C ILE A 136 0.86 -6.61 6.14
N PRO A 137 1.91 -7.39 6.43
CA PRO A 137 1.69 -8.66 7.14
C PRO A 137 0.99 -8.52 8.48
N MET A 138 1.30 -7.51 9.29
CA MET A 138 0.65 -7.42 10.59
CA MET A 138 0.66 -7.39 10.59
C MET A 138 -0.80 -6.97 10.48
N ALA A 139 -1.26 -6.60 9.28
CA ALA A 139 -2.63 -6.19 9.05
C ALA A 139 -3.49 -7.30 8.47
N ARG A 140 -2.95 -8.50 8.27
CA ARG A 140 -3.64 -9.58 7.57
C ARG A 140 -5.04 -9.82 8.13
N SER A 141 -5.14 -10.05 9.45
CA SER A 141 -6.44 -10.38 10.03
C SER A 141 -7.45 -9.24 9.86
N PHE A 142 -7.02 -8.01 10.11
CA PHE A 142 -7.90 -6.86 9.94
C PHE A 142 -8.39 -6.72 8.51
N VAL A 143 -7.46 -6.78 7.55
CA VAL A 143 -7.84 -6.63 6.15
C VAL A 143 -8.81 -7.72 5.74
N ALA A 144 -8.54 -8.97 6.13
CA ALA A 144 -9.47 -10.04 5.80
C ALA A 144 -10.87 -9.73 6.32
N ARG A 145 -10.98 -9.21 7.54
CA ARG A 145 -12.29 -8.87 8.07
C ARG A 145 -12.96 -7.79 7.22
N GLN A 146 -12.19 -6.78 6.80
CA GLN A 146 -12.75 -5.71 5.98
C GLN A 146 -13.17 -6.20 4.60
N ILE A 147 -12.43 -7.15 4.03
CA ILE A 147 -12.80 -7.72 2.74
CA ILE A 147 -12.81 -7.68 2.74
C ILE A 147 -14.11 -8.49 2.84
N VAL A 148 -14.26 -9.27 3.90
CA VAL A 148 -15.51 -10.01 4.10
C VAL A 148 -16.70 -9.05 4.13
N LYS A 149 -16.51 -7.87 4.73
CA LYS A 149 -17.59 -6.88 4.77
C LYS A 149 -17.94 -6.39 3.37
N LEU A 150 -16.96 -6.37 2.46
CA LEU A 150 -17.20 -5.98 1.08
C LEU A 150 -17.83 -7.10 0.26
N GLY A 151 -18.03 -8.28 0.86
CA GLY A 151 -18.61 -9.40 0.15
C GLY A 151 -17.61 -10.34 -0.46
N GLY A 152 -16.36 -10.29 -0.07
CA GLY A 152 -15.34 -11.17 -0.60
C GLY A 152 -14.98 -12.28 0.37
N ASP A 153 -14.40 -13.34 -0.17
CA ASP A 153 -13.93 -14.48 0.62
CA ASP A 153 -13.92 -14.47 0.63
C ASP A 153 -12.41 -14.56 0.52
N PRO A 154 -11.67 -14.05 1.50
CA PRO A 154 -10.19 -14.02 1.40
C PRO A 154 -9.52 -15.29 1.89
N GLU A 155 -8.53 -15.74 1.12
CA GLU A 155 -7.76 -16.94 1.43
C GLU A 155 -6.29 -16.55 1.45
N TYR A 156 -5.65 -16.74 2.60
CA TYR A 156 -4.24 -16.39 2.75
C TYR A 156 -3.39 -17.33 1.90
N ARG A 157 -2.53 -16.75 1.06
CA ARG A 157 -1.64 -17.55 0.22
C ARG A 157 -0.45 -17.98 1.07
N GLU A 158 -0.59 -19.15 1.67
CA GLU A 158 0.35 -19.64 2.68
C GLU A 158 1.76 -19.71 2.13
N GLY A 159 2.72 -19.25 2.95
CA GLY A 159 4.11 -19.37 2.64
C GLY A 159 4.66 -18.36 1.67
N PHE A 160 3.80 -17.57 1.03
CA PHE A 160 4.23 -16.67 -0.02
C PHE A 160 4.50 -15.28 0.51
N VAL A 161 5.56 -14.65 -0.01
CA VAL A 161 5.94 -13.28 0.32
C VAL A 161 6.25 -12.54 -0.96
N THR A 162 5.64 -11.37 -1.13
CA THR A 162 5.84 -10.62 -2.36
C THR A 162 7.25 -10.04 -2.40
N ASP A 163 7.60 -9.50 -3.57
CA ASP A 163 8.86 -8.78 -3.74
C ASP A 163 9.00 -7.64 -2.74
N ASN A 164 7.88 -7.11 -2.27
CA ASN A 164 7.87 -5.97 -1.35
C ASN A 164 7.79 -6.38 0.10
N GLY A 165 7.83 -7.68 0.39
CA GLY A 165 7.85 -8.17 1.76
C GLY A 165 6.49 -8.39 2.39
N ASN A 166 5.42 -8.35 1.60
CA ASN A 166 4.06 -8.42 2.10
C ASN A 166 3.44 -9.77 1.78
N ILE A 167 2.24 -10.01 2.30
CA ILE A 167 1.54 -11.25 2.06
C ILE A 167 0.44 -11.01 1.03
N ILE A 168 -0.15 -12.09 0.54
CA ILE A 168 -1.25 -12.04 -0.43
C ILE A 168 -2.47 -12.70 0.18
N LEU A 169 -3.60 -12.00 0.13
CA LEU A 169 -4.93 -12.59 0.32
C LEU A 169 -5.56 -12.74 -1.07
N ASP A 170 -5.85 -13.97 -1.47
CA ASP A 170 -6.56 -14.19 -2.73
C ASP A 170 -8.05 -14.19 -2.42
N VAL A 171 -8.79 -13.26 -3.04
CA VAL A 171 -10.17 -12.99 -2.67
C VAL A 171 -11.11 -13.50 -3.75
N PHE A 172 -12.04 -14.36 -3.35
CA PHE A 172 -13.06 -14.92 -4.22
C PHE A 172 -14.39 -14.21 -4.00
N ASN A 173 -15.23 -14.25 -5.04
CA ASN A 173 -16.67 -13.89 -5.00
C ASN A 173 -16.96 -12.40 -4.94
N LEU A 174 -16.01 -11.54 -5.27
CA LEU A 174 -16.34 -10.11 -5.32
C LEU A 174 -17.21 -9.80 -6.51
N SER A 175 -18.07 -8.79 -6.36
CA SER A 175 -18.86 -8.31 -7.48
C SER A 175 -18.07 -7.35 -8.34
N PHE A 176 -18.19 -7.51 -9.65
CA PHE A 176 -17.51 -6.67 -10.62
C PHE A 176 -18.47 -5.73 -11.36
N SER A 177 -19.61 -5.42 -10.76
CA SER A 177 -20.56 -4.54 -11.42
C SER A 177 -20.00 -3.13 -11.58
N THR A 178 -19.21 -2.67 -10.61
CA THR A 178 -18.55 -1.36 -10.67
C THR A 178 -17.07 -1.57 -10.42
N PRO A 179 -16.34 -2.09 -11.41
CA PRO A 179 -14.97 -2.56 -11.12
C PRO A 179 -14.01 -1.47 -10.71
N MET A 180 -14.18 -0.24 -11.19
CA MET A 180 -13.30 0.84 -10.71
C MET A 180 -13.57 1.15 -9.24
N ALA A 181 -14.83 1.23 -8.85
CA ALA A 181 -15.14 1.45 -7.44
C ALA A 181 -14.70 0.26 -6.60
N LEU A 182 -14.77 -0.95 -7.16
CA LEU A 182 -14.22 -2.12 -6.48
C LEU A 182 -12.74 -1.95 -6.22
N GLU A 183 -11.98 -1.61 -7.26
CA GLU A 183 -10.54 -1.45 -7.13
C GLU A 183 -10.20 -0.45 -6.03
N ASP A 184 -10.91 0.69 -6.02
CA ASP A 184 -10.66 1.72 -5.01
C ASP A 184 -11.03 1.23 -3.61
N SER A 185 -12.18 0.55 -3.49
CA SER A 185 -12.65 0.14 -2.17
CA SER A 185 -12.65 0.14 -2.16
C SER A 185 -11.64 -0.78 -1.48
N LEU A 186 -10.97 -1.63 -2.26
CA LEU A 186 -9.94 -2.46 -1.67
C LEU A 186 -8.75 -1.62 -1.21
N ASN A 187 -8.33 -0.68 -2.04
CA ASN A 187 -7.08 0.03 -1.78
C ASN A 187 -7.20 1.03 -0.63
N VAL A 188 -8.40 1.55 -0.36
CA VAL A 188 -8.50 2.48 0.76
C VAL A 188 -8.53 1.76 2.10
N ILE A 189 -8.48 0.44 2.10
CA ILE A 189 -8.44 -0.31 3.37
C ILE A 189 -7.07 -0.15 4.00
N PRO A 190 -6.96 0.27 5.26
CA PRO A 190 -5.64 0.40 5.89
C PRO A 190 -4.94 -0.96 5.93
N GLY A 191 -3.72 -0.99 5.41
CA GLY A 191 -2.97 -2.22 5.31
C GLY A 191 -2.99 -2.85 3.93
N VAL A 192 -3.91 -2.45 3.07
CA VAL A 192 -3.90 -2.94 1.70
C VAL A 192 -2.91 -2.10 0.91
N VAL A 193 -1.94 -2.77 0.30
CA VAL A 193 -0.93 -2.10 -0.50
C VAL A 193 -1.43 -1.87 -1.94
N GLU A 194 -2.03 -2.90 -2.54
CA GLU A 194 -2.52 -2.82 -3.91
C GLU A 194 -3.37 -4.06 -4.13
N ASN A 195 -4.16 -4.07 -5.23
CA ASN A 195 -4.96 -5.24 -5.55
C ASN A 195 -4.90 -5.53 -7.05
N GLY A 196 -5.26 -6.76 -7.41
CA GLY A 196 -5.19 -7.21 -8.78
C GLY A 196 -6.32 -6.82 -9.72
N VAL A 197 -7.26 -5.99 -9.28
CA VAL A 197 -8.25 -5.47 -10.21
C VAL A 197 -7.57 -4.38 -11.04
N PHE A 198 -7.56 -4.55 -12.36
CA PHE A 198 -7.06 -3.53 -13.29
C PHE A 198 -8.26 -2.97 -14.04
N ALA A 199 -8.95 -2.02 -13.42
CA ALA A 199 -10.09 -1.35 -14.04
C ALA A 199 -9.86 0.12 -14.30
N LYS A 200 -8.96 0.77 -13.55
CA LYS A 200 -8.64 2.17 -13.79
C LYS A 200 -7.49 2.32 -14.78
N ARG A 201 -6.63 1.33 -14.88
CA ARG A 201 -5.57 1.24 -15.88
C ARG A 201 -5.90 0.06 -16.77
N LEU A 202 -6.43 0.34 -17.95
CA LEU A 202 -6.83 -0.69 -18.90
C LEU A 202 -5.65 -1.14 -19.75
N ALA A 203 -5.79 -2.32 -20.33
CA ALA A 203 -4.91 -2.68 -21.45
C ALA A 203 -5.31 -1.86 -22.67
N ASP A 204 -4.32 -1.27 -23.33
CA ASP A 204 -4.60 -0.51 -24.55
C ASP A 204 -4.73 -1.40 -25.77
N LYS A 205 -3.96 -2.48 -25.81
CA LYS A 205 -4.10 -3.50 -26.84
C LYS A 205 -4.14 -4.86 -26.14
N VAL A 206 -4.98 -5.76 -26.64
CA VAL A 206 -5.08 -7.12 -26.13
C VAL A 206 -4.82 -8.03 -27.32
N LEU A 207 -3.67 -8.71 -27.31
CA LEU A 207 -3.30 -9.64 -28.36
C LEU A 207 -3.59 -11.07 -27.90
N VAL A 208 -4.50 -11.75 -28.59
CA VAL A 208 -5.01 -13.05 -28.17
C VAL A 208 -4.52 -14.11 -29.14
N ALA A 209 -3.69 -15.02 -28.66
CA ALA A 209 -3.17 -16.10 -29.49
C ALA A 209 -4.11 -17.30 -29.41
N SER A 210 -4.33 -17.93 -30.56
CA SER A 210 -5.12 -19.15 -30.68
C SER A 210 -4.46 -20.00 -31.76
N ALA A 211 -5.11 -21.11 -32.11
CA ALA A 211 -4.60 -21.93 -33.20
C ALA A 211 -4.56 -21.15 -34.51
N SER A 212 -5.52 -20.25 -34.72
CA SER A 212 -5.60 -19.53 -36.00
C SER A 212 -4.57 -18.41 -36.13
N GLY A 213 -4.05 -17.92 -35.02
CA GLY A 213 -3.08 -16.85 -35.06
C GLY A 213 -3.24 -15.96 -33.83
N VAL A 214 -2.92 -14.68 -34.01
CA VAL A 214 -3.06 -13.68 -32.96
C VAL A 214 -4.10 -12.65 -33.42
N ASN A 215 -5.11 -12.43 -32.60
CA ASN A 215 -6.17 -11.48 -32.90
C ASN A 215 -6.08 -10.33 -31.91
N ASN A 216 -6.13 -9.11 -32.43
CA ASN A 216 -6.19 -7.93 -31.57
C ASN A 216 -7.62 -7.81 -31.07
N LEU A 217 -7.88 -8.43 -29.91
CA LEU A 217 -9.18 -8.29 -29.28
C LEU A 217 -9.51 -6.83 -29.02
N LYS A 218 -8.49 -6.02 -28.76
CA LYS A 218 -8.63 -4.59 -28.57
C LYS A 218 -7.38 -3.95 -29.13
N HIS B 2 7.68 24.04 29.55
CA HIS B 2 8.42 22.79 29.53
C HIS B 2 7.57 21.73 28.83
N MET B 3 7.83 21.53 27.54
CA MET B 3 6.99 20.64 26.75
C MET B 3 7.02 19.21 27.28
N SER B 4 8.17 18.76 27.80
CA SER B 4 8.25 17.42 28.36
C SER B 4 7.28 17.26 29.53
N GLU B 5 7.22 18.26 30.41
CA GLU B 5 6.27 18.22 31.50
C GLU B 5 4.84 18.12 30.98
N LEU B 6 4.53 18.87 29.91
CA LEU B 6 3.19 18.79 29.33
C LEU B 6 2.91 17.39 28.80
N LYS B 7 3.86 16.83 28.04
CA LYS B 7 3.67 15.50 27.48
C LYS B 7 3.47 14.47 28.58
N ILE B 8 4.22 14.59 29.67
CA ILE B 8 4.02 13.67 30.79
C ILE B 8 2.61 13.79 31.36
N LYS B 9 2.10 15.02 31.47
CA LYS B 9 0.75 15.20 32.00
C LYS B 9 -0.28 14.52 31.10
N ALA B 10 -0.17 14.72 29.78
CA ALA B 10 -1.07 14.04 28.85
C ALA B 10 -0.96 12.53 28.97
N ALA B 11 0.28 12.02 29.10
CA ALA B 11 0.48 10.58 29.25
C ALA B 11 -0.21 10.05 30.49
N LYS B 12 -0.04 10.76 31.62
CA LYS B 12 -0.67 10.31 32.86
C LYS B 12 -2.19 10.34 32.76
N ALA B 13 -2.74 11.26 31.96
CA ALA B 13 -4.18 11.35 31.82
C ALA B 13 -4.72 10.15 31.06
N ALA B 14 -3.97 9.65 30.08
CA ALA B 14 -4.37 8.45 29.34
C ALA B 14 -4.37 7.21 30.22
N ILE B 15 -3.47 7.13 31.21
CA ILE B 15 -3.41 5.95 32.06
C ILE B 15 -4.74 5.72 32.78
N ALA B 16 -5.50 6.79 33.03
CA ALA B 16 -6.77 6.63 33.74
C ALA B 16 -7.80 5.87 32.93
N TYR B 17 -7.57 5.67 31.64
CA TYR B 17 -8.47 4.89 30.80
C TYR B 17 -8.11 3.41 30.74
N ILE B 18 -6.94 3.02 31.25
CA ILE B 18 -6.51 1.63 31.16
C ILE B 18 -7.20 0.81 32.25
N GLU B 19 -7.99 -0.18 31.85
CA GLU B 19 -8.69 -1.06 32.76
C GLU B 19 -7.92 -2.39 32.91
N ASP B 20 -8.22 -3.11 33.99
CA ASP B 20 -7.50 -4.35 34.24
C ASP B 20 -7.72 -5.34 33.10
N ASP B 21 -6.64 -6.06 32.75
CA ASP B 21 -6.64 -7.18 31.81
C ASP B 21 -6.90 -6.76 30.36
N MET B 22 -6.73 -5.48 30.05
CA MET B 22 -6.88 -5.01 28.67
C MET B 22 -5.64 -5.30 27.85
N VAL B 23 -5.85 -5.53 26.56
CA VAL B 23 -4.78 -5.40 25.58
C VAL B 23 -4.77 -3.96 25.11
N ILE B 24 -3.62 -3.32 25.14
CA ILE B 24 -3.47 -1.89 24.88
C ILE B 24 -2.65 -1.70 23.62
N GLY B 25 -3.20 -0.96 22.66
CA GLY B 25 -2.42 -0.57 21.49
C GLY B 25 -1.61 0.67 21.81
N VAL B 26 -0.37 0.70 21.32
CA VAL B 26 0.57 1.74 21.70
C VAL B 26 1.12 2.40 20.44
N GLY B 27 1.01 3.73 20.37
CA GLY B 27 1.48 4.49 19.23
C GLY B 27 2.98 4.66 19.18
N THR B 28 3.42 5.76 18.56
CA THR B 28 4.84 6.06 18.41
CA THR B 28 4.84 6.06 18.42
C THR B 28 5.04 7.55 18.68
N GLY B 29 6.27 7.91 19.08
CA GLY B 29 6.65 9.31 19.24
C GLY B 29 6.92 9.68 20.69
N SER B 30 7.34 10.93 20.88
CA SER B 30 7.89 11.31 22.19
C SER B 30 6.82 11.32 23.27
N THR B 31 5.61 11.76 22.92
CA THR B 31 4.54 11.78 23.92
C THR B 31 4.17 10.35 24.32
N VAL B 32 4.03 9.46 23.34
CA VAL B 32 3.78 8.04 23.62
C VAL B 32 4.88 7.43 24.47
N ASN B 33 6.13 7.87 24.26
CA ASN B 33 7.22 7.29 25.03
C ASN B 33 7.11 7.62 26.51
N PHE B 34 6.60 8.80 26.85
CA PHE B 34 6.33 9.07 28.26
C PHE B 34 5.21 8.16 28.77
N PHE B 35 4.20 7.92 27.94
CA PHE B 35 3.12 7.02 28.30
C PHE B 35 3.64 5.60 28.54
N ILE B 36 4.63 5.16 27.76
CA ILE B 36 5.22 3.84 27.94
C ILE B 36 5.83 3.72 29.32
N LYS B 37 6.52 4.75 29.79
CA LYS B 37 7.08 4.72 31.13
C LYS B 37 5.97 4.65 32.17
N GLU B 38 4.86 5.38 31.94
CA GLU B 38 3.72 5.28 32.87
C GLU B 38 3.08 3.90 32.81
N LEU B 39 2.95 3.35 31.60
CA LEU B 39 2.43 2.00 31.45
C LEU B 39 3.30 0.99 32.20
N ALA B 40 4.62 1.20 32.20
CA ALA B 40 5.52 0.29 32.89
C ALA B 40 5.14 0.15 34.36
N ALA B 41 4.72 1.24 34.99
CA ALA B 41 4.42 1.20 36.41
C ALA B 41 3.13 0.45 36.73
N ILE B 42 2.28 0.19 35.74
CA ILE B 42 1.05 -0.58 35.98
C ILE B 42 1.02 -1.80 35.08
N LYS B 43 2.19 -2.27 34.64
CA LYS B 43 2.20 -3.37 33.68
C LYS B 43 1.62 -4.65 34.27
N HIS B 44 1.65 -4.81 35.60
CA HIS B 44 1.02 -5.95 36.23
C HIS B 44 -0.50 -5.97 36.04
N LYS B 45 -1.10 -4.86 35.61
CA LYS B 45 -2.55 -4.74 35.49
C LYS B 45 -3.08 -5.04 34.09
N ILE B 46 -2.23 -5.03 33.08
CA ILE B 46 -2.66 -5.18 31.69
C ILE B 46 -2.26 -6.55 31.18
N GLU B 47 -2.99 -7.04 30.18
CA GLU B 47 -2.62 -8.31 29.56
C GLU B 47 -1.37 -8.17 28.70
N ALA B 48 -1.39 -7.25 27.74
CA ALA B 48 -0.30 -7.11 26.78
C ALA B 48 -0.51 -5.83 25.97
N CYS B 49 0.49 -5.53 25.15
CA CYS B 49 0.42 -4.39 24.24
C CYS B 49 0.61 -4.82 22.80
N VAL B 50 -0.01 -4.06 21.89
CA VAL B 50 0.25 -4.13 20.46
C VAL B 50 1.07 -2.90 20.10
N ALA B 51 2.16 -3.07 19.35
CA ALA B 51 3.07 -1.98 19.01
C ALA B 51 2.84 -1.49 17.59
N SER B 52 2.77 -0.18 17.43
CA SER B 52 2.60 0.42 16.11
CA SER B 52 2.60 0.45 16.12
C SER B 52 3.92 0.68 15.39
N SER B 53 5.06 0.36 16.00
CA SER B 53 6.35 0.47 15.32
C SER B 53 7.35 -0.50 15.96
N LYS B 54 8.41 -0.80 15.21
CA LYS B 54 9.48 -1.61 15.79
C LYS B 54 10.17 -0.87 16.92
N ALA B 55 10.28 0.45 16.82
CA ALA B 55 10.84 1.23 17.92
C ALA B 55 9.99 1.09 19.17
N THR B 56 8.67 1.28 19.02
CA THR B 56 7.78 1.16 20.16
C THR B 56 7.86 -0.23 20.76
N GLU B 57 7.97 -1.27 19.92
CA GLU B 57 8.10 -2.63 20.45
C GLU B 57 9.35 -2.73 21.29
N ALA B 58 10.46 -2.13 20.84
CA ALA B 58 11.71 -2.26 21.57
C ALA B 58 11.59 -1.58 22.93
N LEU B 59 10.93 -0.43 22.98
CA LEU B 59 10.76 0.28 24.24
C LEU B 59 9.86 -0.49 25.19
N LEU B 60 8.76 -1.08 24.68
CA LEU B 60 7.89 -1.90 25.53
C LEU B 60 8.63 -3.10 26.09
N ARG B 61 9.34 -3.83 25.22
CA ARG B 61 10.09 -5.00 25.66
C ARG B 61 11.15 -4.64 26.68
N ALA B 62 11.83 -3.51 26.49
CA ALA B 62 12.85 -3.09 27.44
C ALA B 62 12.26 -2.80 28.81
N GLU B 63 10.97 -2.47 28.88
CA GLU B 63 10.26 -2.28 30.14
C GLU B 63 9.69 -3.58 30.68
N GLY B 64 9.87 -4.69 29.96
CA GLY B 64 9.25 -5.92 30.38
C GLY B 64 7.75 -5.93 30.21
N ILE B 65 7.22 -5.13 29.29
CA ILE B 65 5.79 -5.13 28.97
C ILE B 65 5.58 -6.19 27.89
N PRO B 66 4.69 -7.17 28.10
CA PRO B 66 4.50 -8.20 27.07
C PRO B 66 3.88 -7.59 25.82
N VAL B 67 4.33 -8.09 24.68
CA VAL B 67 3.92 -7.60 23.37
C VAL B 67 3.33 -8.77 22.60
N ILE B 68 2.21 -8.52 21.91
CA ILE B 68 1.58 -9.57 21.11
C ILE B 68 1.31 -9.04 19.71
N ASP B 69 1.20 -9.98 18.79
CA ASP B 69 1.01 -9.67 17.38
C ASP B 69 -0.45 -9.28 17.12
N LEU B 70 -0.66 -8.20 16.35
CA LEU B 70 -2.02 -7.73 16.10
C LEU B 70 -2.88 -8.81 15.46
N ASN B 71 -2.27 -9.70 14.66
CA ASN B 71 -3.05 -10.75 14.02
C ASN B 71 -3.68 -11.69 15.04
N SER B 72 -3.13 -11.77 16.24
CA SER B 72 -3.67 -12.64 17.29
CA SER B 72 -3.67 -12.64 17.29
C SER B 72 -4.74 -11.95 18.13
N VAL B 73 -4.97 -10.66 17.92
CA VAL B 73 -5.89 -9.88 18.74
C VAL B 73 -7.22 -9.80 18.03
N GLN B 74 -8.27 -10.28 18.70
CA GLN B 74 -9.64 -10.07 18.25
C GLN B 74 -10.19 -8.74 18.75
N ASP B 75 -9.98 -8.44 20.03
CA ASP B 75 -10.51 -7.23 20.66
CA ASP B 75 -10.51 -7.21 20.63
C ASP B 75 -9.35 -6.37 21.16
N LEU B 76 -9.28 -5.14 20.67
CA LEU B 76 -8.27 -4.17 21.11
C LEU B 76 -9.04 -2.97 21.64
N PRO B 77 -9.29 -2.88 22.94
CA PRO B 77 -10.24 -1.86 23.43
C PRO B 77 -9.71 -0.44 23.32
N ILE B 78 -8.40 -0.23 23.44
CA ILE B 78 -7.81 1.12 23.51
C ILE B 78 -6.53 1.17 22.68
N TYR B 79 -6.37 2.28 21.95
CA TYR B 79 -5.12 2.66 21.29
C TYR B 79 -4.76 4.06 21.74
N VAL B 80 -3.54 4.25 22.26
CA VAL B 80 -3.07 5.53 22.74
C VAL B 80 -1.94 5.98 21.82
N ASP B 81 -2.06 7.17 21.25
CA ASP B 81 -1.07 7.64 20.30
C ASP B 81 -1.07 9.15 20.29
N GLY B 82 0.01 9.72 19.78
CA GLY B 82 0.13 11.16 19.61
C GLY B 82 -0.35 11.59 18.24
N ALA B 83 -0.02 12.85 17.90
CA ALA B 83 -0.36 13.41 16.60
C ALA B 83 0.53 14.61 16.34
N ASP B 84 0.81 14.86 15.06
CA ASP B 84 1.54 16.08 14.70
C ASP B 84 0.63 17.30 14.69
N GLU B 85 -0.63 17.10 14.29
CA GLU B 85 -1.68 18.11 14.36
C GLU B 85 -2.97 17.39 14.72
N VAL B 86 -3.83 18.06 15.49
CA VAL B 86 -5.13 17.50 15.83
C VAL B 86 -6.10 18.65 16.04
N ASN B 87 -7.33 18.47 15.57
CA ASN B 87 -8.35 19.50 15.75
C ASN B 87 -9.45 18.99 16.67
N GLU B 88 -10.38 19.88 16.98
CA GLU B 88 -11.46 19.56 17.90
C GLU B 88 -12.30 18.39 17.43
N ARG B 89 -12.36 18.15 16.12
CA ARG B 89 -13.10 17.03 15.59
C ARG B 89 -12.39 15.70 15.77
N GLY B 90 -11.13 15.71 16.15
CA GLY B 90 -10.37 14.49 16.20
C GLY B 90 -9.73 14.09 14.89
N GLU B 91 -9.85 14.91 13.84
CA GLU B 91 -9.02 14.73 12.66
C GLU B 91 -7.57 15.03 13.01
N MET B 92 -6.65 14.27 12.42
CA MET B 92 -5.24 14.41 12.75
C MET B 92 -4.40 14.40 11.48
N ILE B 93 -3.25 15.07 11.55
CA ILE B 93 -2.12 14.76 10.70
C ILE B 93 -1.10 14.02 11.55
N LYS B 94 -0.66 12.87 11.07
CA LYS B 94 0.32 12.05 11.77
C LYS B 94 1.40 11.65 10.77
N GLY B 95 2.38 10.91 11.25
CA GLY B 95 3.42 10.41 10.39
C GLY B 95 4.71 11.18 10.45
N GLY B 96 4.78 12.25 11.23
CA GLY B 96 6.04 12.93 11.48
C GLY B 96 7.18 11.96 11.72
N GLY B 97 6.95 10.92 12.53
CA GLY B 97 7.98 9.94 12.82
C GLY B 97 8.13 8.83 11.82
N GLY B 98 7.31 8.83 10.76
CA GLY B 98 7.40 7.84 9.71
C GLY B 98 6.70 6.52 9.98
N ALA B 99 5.89 6.43 11.04
CA ALA B 99 5.26 5.18 11.43
C ALA B 99 3.76 5.15 11.13
N LEU B 100 3.28 6.03 10.26
CA LEU B 100 1.86 6.25 10.10
C LEU B 100 1.09 5.04 9.55
N THR B 101 1.75 4.12 8.85
CA THR B 101 1.02 2.99 8.26
C THR B 101 0.54 2.03 9.35
N ARG B 102 1.47 1.51 10.15
CA ARG B 102 1.03 0.62 11.23
C ARG B 102 0.23 1.37 12.28
N GLU B 103 0.50 2.65 12.46
CA GLU B 103 -0.37 3.46 13.34
C GLU B 103 -1.81 3.39 12.87
N LYS B 104 -2.04 3.60 11.57
CA LYS B 104 -3.42 3.66 11.11
C LYS B 104 -4.08 2.29 11.20
N ILE B 105 -3.31 1.24 10.92
CA ILE B 105 -3.81 -0.13 11.01
C ILE B 105 -4.24 -0.46 12.43
N VAL B 106 -3.37 -0.19 13.41
CA VAL B 106 -3.73 -0.52 14.79
C VAL B 106 -4.89 0.35 15.25
N ALA B 107 -4.86 1.64 14.90
CA ALA B 107 -5.96 2.54 15.26
C ALA B 107 -7.30 2.01 14.74
N ASN B 108 -7.29 1.39 13.57
CA ASN B 108 -8.54 0.91 12.98
C ASN B 108 -9.06 -0.35 13.65
N VAL B 109 -8.18 -1.15 14.26
CA VAL B 109 -8.65 -2.31 15.02
C VAL B 109 -9.17 -1.89 16.39
N ALA B 110 -8.59 -0.83 16.94
CA ALA B 110 -8.94 -0.41 18.30
C ALA B 110 -10.35 0.16 18.36
N THR B 111 -11.03 -0.13 19.47
CA THR B 111 -12.35 0.43 19.70
C THR B 111 -12.27 1.92 20.01
N GLN B 112 -11.44 2.30 20.97
CA GLN B 112 -11.28 3.68 21.40
C GLN B 112 -9.86 4.16 21.10
N PHE B 113 -9.76 5.26 20.36
CA PHE B 113 -8.49 5.88 19.99
C PHE B 113 -8.32 7.11 20.87
N ILE B 114 -7.38 7.06 21.82
CA ILE B 114 -7.08 8.20 22.68
C ILE B 114 -5.85 8.90 22.12
N CYS B 115 -6.02 10.17 21.75
CA CYS B 115 -4.93 11.00 21.27
C CYS B 115 -4.41 11.87 22.40
N ILE B 116 -3.10 11.77 22.70
CA ILE B 116 -2.45 12.55 23.75
C ILE B 116 -1.48 13.55 23.11
N VAL B 117 -1.65 14.83 23.43
CA VAL B 117 -0.84 15.89 22.87
C VAL B 117 -0.56 16.95 23.92
N ASP B 118 0.56 17.67 23.74
CA ASP B 118 0.69 18.96 24.38
C ASP B 118 -0.04 20.01 23.56
N GLU B 119 -0.28 21.18 24.18
CA GLU B 119 -1.11 22.23 23.59
CA GLU B 119 -1.15 22.18 23.56
C GLU B 119 -0.66 22.62 22.18
N SER B 120 0.63 22.49 21.88
CA SER B 120 1.11 22.98 20.59
C SER B 120 0.61 22.15 19.40
N LYS B 121 0.15 20.93 19.64
CA LYS B 121 -0.35 20.11 18.54
C LYS B 121 -1.76 20.49 18.11
N VAL B 122 -2.48 21.30 18.89
CA VAL B 122 -3.87 21.61 18.58
C VAL B 122 -3.92 22.70 17.52
N VAL B 123 -4.75 22.49 16.50
CA VAL B 123 -4.94 23.46 15.43
C VAL B 123 -6.42 23.64 15.16
N LYS B 124 -6.78 24.80 14.62
CA LYS B 124 -8.15 24.97 14.16
C LYS B 124 -8.35 24.39 12.77
N ARG B 125 -7.31 24.38 11.94
CA ARG B 125 -7.40 23.90 10.58
C ARG B 125 -6.14 23.09 10.25
N LEU B 126 -6.31 21.82 9.88
CA LEU B 126 -5.17 21.00 9.50
C LEU B 126 -4.49 21.57 8.27
N GLY B 127 -3.18 21.33 8.17
CA GLY B 127 -2.54 21.59 6.89
C GLY B 127 -1.15 22.20 6.94
N GLU B 128 -0.80 22.88 8.03
CA GLU B 128 0.53 23.47 8.11
C GLU B 128 1.61 22.40 8.19
N PHE B 129 1.38 21.36 8.99
CA PHE B 129 2.32 20.24 9.07
C PHE B 129 2.19 19.37 7.82
N PRO B 130 3.30 18.88 7.27
CA PRO B 130 3.22 18.07 6.05
C PRO B 130 2.53 16.74 6.29
N VAL B 131 2.03 16.16 5.20
CA VAL B 131 1.44 14.83 5.20
C VAL B 131 2.49 13.82 4.74
N ALA B 132 2.91 12.95 5.65
CA ALA B 132 3.81 11.86 5.28
C ALA B 132 3.04 10.83 4.44
N VAL B 133 3.60 10.45 3.30
CA VAL B 133 3.00 9.46 2.41
C VAL B 133 4.01 8.32 2.26
N GLU B 134 3.61 7.10 2.63
CA GLU B 134 4.50 5.96 2.49
C GLU B 134 4.34 5.38 1.09
N VAL B 135 5.47 5.08 0.44
CA VAL B 135 5.51 4.81 -0.99
C VAL B 135 6.43 3.64 -1.28
N ILE B 136 5.98 2.70 -2.09
CA ILE B 136 6.82 1.63 -2.64
C ILE B 136 8.05 2.30 -3.27
N PRO B 137 9.26 1.93 -2.90
CA PRO B 137 10.43 2.74 -3.33
C PRO B 137 10.55 2.91 -4.84
N MET B 138 10.27 1.88 -5.64
CA MET B 138 10.40 2.06 -7.08
CA MET B 138 10.39 2.03 -7.09
C MET B 138 9.31 2.92 -7.68
N ALA B 139 8.27 3.26 -6.91
CA ALA B 139 7.19 4.13 -7.37
C ALA B 139 7.38 5.59 -6.97
N ARG B 140 8.50 5.94 -6.33
CA ARG B 140 8.63 7.27 -5.73
C ARG B 140 8.39 8.39 -6.73
N SER B 141 9.09 8.34 -7.87
CA SER B 141 8.97 9.44 -8.84
C SER B 141 7.57 9.54 -9.39
N PHE B 142 6.99 8.40 -9.75
CA PHE B 142 5.62 8.38 -10.25
C PHE B 142 4.65 8.96 -9.24
N VAL B 143 4.76 8.51 -7.98
CA VAL B 143 3.83 8.99 -6.95
C VAL B 143 4.00 10.49 -6.72
N ALA B 144 5.25 10.96 -6.67
CA ALA B 144 5.50 12.40 -6.56
C ALA B 144 4.77 13.16 -7.65
N ARG B 145 4.85 12.67 -8.89
CA ARG B 145 4.17 13.33 -10.00
C ARG B 145 2.66 13.34 -9.80
N GLN B 146 2.10 12.25 -9.28
CA GLN B 146 0.65 12.19 -9.10
C GLN B 146 0.22 13.12 -7.97
N ILE B 147 1.02 13.23 -6.93
CA ILE B 147 0.69 14.12 -5.82
C ILE B 147 0.76 15.57 -6.24
N VAL B 148 1.70 15.91 -7.14
CA VAL B 148 1.73 17.27 -7.68
C VAL B 148 0.39 17.60 -8.34
N LYS B 149 -0.20 16.63 -9.06
CA LYS B 149 -1.48 16.87 -9.73
C LYS B 149 -2.60 17.16 -8.73
N LEU B 150 -2.47 16.66 -7.51
CA LEU B 150 -3.40 16.96 -6.42
C LEU B 150 -3.09 18.27 -5.74
N GLY B 151 -2.18 19.07 -6.27
CA GLY B 151 -1.82 20.32 -5.64
C GLY B 151 -0.87 20.20 -4.47
N GLY B 152 -0.23 19.05 -4.28
CA GLY B 152 0.74 18.90 -3.22
C GLY B 152 2.16 19.15 -3.70
N ASP B 153 3.04 19.40 -2.73
CA ASP B 153 4.47 19.58 -3.00
C ASP B 153 5.24 18.51 -2.25
N PRO B 154 5.64 17.43 -2.92
CA PRO B 154 6.24 16.28 -2.23
C PRO B 154 7.73 16.44 -2.06
N GLU B 155 8.22 16.08 -0.88
CA GLU B 155 9.64 16.20 -0.55
C GLU B 155 10.13 14.87 0.00
N TYR B 156 11.00 14.20 -0.75
CA TYR B 156 11.49 12.89 -0.36
C TYR B 156 12.27 13.00 0.94
N ARG B 157 11.91 12.19 1.92
CA ARG B 157 12.60 12.22 3.21
C ARG B 157 13.87 11.40 3.03
N GLU B 158 14.95 12.07 2.63
CA GLU B 158 16.17 11.40 2.21
C GLU B 158 16.72 10.50 3.32
N GLY B 159 17.11 9.29 2.94
CA GLY B 159 17.76 8.38 3.87
C GLY B 159 16.84 7.56 4.74
N PHE B 160 15.55 7.90 4.80
CA PHE B 160 14.66 7.23 5.74
C PHE B 160 13.98 6.04 5.08
N VAL B 161 13.85 4.96 5.84
CA VAL B 161 13.14 3.76 5.41
C VAL B 161 12.19 3.36 6.54
N THR B 162 10.92 3.10 6.20
CA THR B 162 9.94 2.74 7.21
C THR B 162 10.15 1.32 7.72
N ASP B 163 9.45 1.01 8.81
CA ASP B 163 9.37 -0.36 9.32
C ASP B 163 9.00 -1.36 8.24
N ASN B 164 8.30 -0.90 7.20
CA ASN B 164 7.81 -1.78 6.13
C ASN B 164 8.71 -1.78 4.89
N GLY B 165 9.88 -1.16 4.97
CA GLY B 165 10.83 -1.16 3.87
C GLY B 165 10.58 -0.12 2.80
N ASN B 166 9.72 0.87 3.05
CA ASN B 166 9.32 1.82 2.02
C ASN B 166 9.92 3.21 2.32
N ILE B 167 9.71 4.14 1.41
CA ILE B 167 10.20 5.50 1.59
C ILE B 167 9.03 6.42 1.98
N ILE B 168 9.36 7.61 2.45
CA ILE B 168 8.36 8.63 2.81
C ILE B 168 8.54 9.82 1.88
N LEU B 169 7.44 10.29 1.32
CA LEU B 169 7.35 11.62 0.74
C LEU B 169 6.57 12.49 1.74
N ASP B 170 7.18 13.56 2.20
CA ASP B 170 6.46 14.53 3.03
C ASP B 170 5.86 15.59 2.12
N VAL B 171 4.54 15.75 2.19
CA VAL B 171 3.80 16.51 1.20
C VAL B 171 3.27 17.79 1.83
N PHE B 172 3.70 18.93 1.32
CA PHE B 172 3.28 20.24 1.79
C PHE B 172 2.18 20.82 0.91
N ASN B 173 1.40 21.72 1.51
CA ASN B 173 0.46 22.59 0.82
C ASN B 173 -0.78 21.89 0.28
N LEU B 174 -1.07 20.66 0.72
CA LEU B 174 -2.32 20.04 0.29
C LEU B 174 -3.50 20.78 0.89
N SER B 175 -4.62 20.77 0.17
CA SER B 175 -5.84 21.38 0.70
C SER B 175 -6.56 20.41 1.60
N PHE B 176 -7.02 20.91 2.74
CA PHE B 176 -7.79 20.09 3.68
C PHE B 176 -9.26 20.50 3.72
N SER B 177 -9.78 21.01 2.61
CA SER B 177 -11.18 21.39 2.58
C SER B 177 -12.11 20.19 2.74
N THR B 178 -11.72 19.04 2.19
CA THR B 178 -12.49 17.81 2.29
C THR B 178 -11.55 16.68 2.70
N PRO B 179 -11.24 16.57 3.99
CA PRO B 179 -10.10 15.73 4.42
C PRO B 179 -10.26 14.24 4.12
N MET B 180 -11.47 13.69 4.22
CA MET B 180 -11.63 12.27 3.90
C MET B 180 -11.39 12.01 2.42
N ALA B 181 -11.89 12.88 1.53
CA ALA B 181 -11.61 12.72 0.11
C ALA B 181 -10.12 12.81 -0.16
N LEU B 182 -9.42 13.71 0.53
CA LEU B 182 -7.98 13.84 0.35
C LEU B 182 -7.27 12.56 0.75
N GLU B 183 -7.61 12.02 1.92
CA GLU B 183 -7.00 10.77 2.38
C GLU B 183 -7.21 9.66 1.34
N ASP B 184 -8.44 9.55 0.81
CA ASP B 184 -8.70 8.54 -0.20
C ASP B 184 -7.91 8.81 -1.48
N SER B 185 -7.87 10.06 -1.93
CA SER B 185 -7.20 10.38 -3.19
C SER B 185 -5.72 10.01 -3.13
N LEU B 186 -5.10 10.14 -1.95
CA LEU B 186 -3.71 9.71 -1.82
C LEU B 186 -3.61 8.19 -1.90
N ASN B 187 -4.47 7.49 -1.17
CA ASN B 187 -4.31 6.05 -1.06
C ASN B 187 -4.64 5.31 -2.35
N VAL B 188 -5.47 5.88 -3.24
CA VAL B 188 -5.75 5.14 -4.47
C VAL B 188 -4.63 5.25 -5.49
N ILE B 189 -3.62 6.08 -5.25
CA ILE B 189 -2.51 6.21 -6.22
C ILE B 189 -1.69 4.91 -6.20
N PRO B 190 -1.44 4.28 -7.34
CA PRO B 190 -0.59 3.07 -7.34
C PRO B 190 0.79 3.37 -6.76
N GLY B 191 1.21 2.52 -5.81
CA GLY B 191 2.45 2.73 -5.11
C GLY B 191 2.32 3.43 -3.77
N VAL B 192 1.22 4.11 -3.51
CA VAL B 192 1.01 4.67 -2.18
C VAL B 192 0.54 3.56 -1.24
N VAL B 193 1.29 3.37 -0.16
CA VAL B 193 0.93 2.36 0.84
C VAL B 193 -0.10 2.91 1.81
N GLU B 194 0.13 4.13 2.30
CA GLU B 194 -0.71 4.75 3.32
C GLU B 194 -0.25 6.19 3.47
N ASN B 195 -1.09 7.03 4.06
CA ASN B 195 -0.74 8.44 4.23
C ASN B 195 -1.16 8.90 5.62
N GLY B 196 -0.58 10.02 6.05
CA GLY B 196 -0.77 10.50 7.40
C GLY B 196 -2.03 11.29 7.67
N VAL B 197 -2.92 11.48 6.69
CA VAL B 197 -4.21 12.08 7.00
C VAL B 197 -5.05 11.07 7.75
N PHE B 198 -5.49 11.44 8.96
CA PHE B 198 -6.39 10.62 9.76
C PHE B 198 -7.73 11.35 9.80
N ALA B 199 -8.53 11.16 8.76
CA ALA B 199 -9.86 11.76 8.71
C ALA B 199 -10.98 10.73 8.70
N LYS B 200 -10.72 9.52 8.24
CA LYS B 200 -11.71 8.47 8.27
C LYS B 200 -11.72 7.73 9.59
N ARG B 201 -10.57 7.67 10.27
CA ARG B 201 -10.45 7.10 11.61
C ARG B 201 -10.05 8.26 12.53
N LEU B 202 -11.02 8.77 13.27
CA LEU B 202 -10.81 9.92 14.14
C LEU B 202 -10.35 9.47 15.52
N ALA B 203 -9.66 10.39 16.21
CA ALA B 203 -9.45 10.23 17.64
C ALA B 203 -10.80 10.28 18.34
N ASP B 204 -11.03 9.34 19.26
CA ASP B 204 -12.26 9.37 20.04
C ASP B 204 -12.14 10.30 21.23
N LYS B 205 -10.96 10.39 21.83
CA LYS B 205 -10.65 11.32 22.89
C LYS B 205 -9.40 12.09 22.48
N VAL B 206 -9.36 13.38 22.80
CA VAL B 206 -8.19 14.21 22.54
C VAL B 206 -7.83 14.87 23.86
N LEU B 207 -6.81 14.36 24.52
CA LEU B 207 -6.37 14.86 25.83
C LEU B 207 -5.26 15.88 25.59
N VAL B 208 -5.49 17.12 26.00
CA VAL B 208 -4.58 18.23 25.67
C VAL B 208 -3.98 18.79 26.95
N ALA B 209 -2.66 18.70 27.06
CA ALA B 209 -1.96 19.13 28.26
C ALA B 209 -1.44 20.55 28.08
N SER B 210 -1.80 21.43 29.01
CA SER B 210 -1.30 22.79 29.06
C SER B 210 -0.86 23.08 30.48
N ALA B 211 -0.35 24.29 30.69
CA ALA B 211 0.14 24.67 32.02
C ALA B 211 -0.92 24.48 33.09
N SER B 212 -2.19 24.65 32.72
CA SER B 212 -3.28 24.58 33.69
C SER B 212 -3.80 23.17 33.93
N GLY B 213 -3.34 22.18 33.17
CA GLY B 213 -3.75 20.80 33.36
C GLY B 213 -4.01 20.13 32.03
N VAL B 214 -4.75 19.03 32.07
CA VAL B 214 -5.13 18.28 30.87
C VAL B 214 -6.61 18.51 30.59
N ASN B 215 -6.93 18.91 29.36
CA ASN B 215 -8.29 19.21 28.96
C ASN B 215 -8.72 18.25 27.87
N ASN B 216 -9.93 17.70 28.01
CA ASN B 216 -10.51 16.82 26.99
C ASN B 216 -11.06 17.71 25.88
N LEU B 217 -10.26 17.93 24.84
CA LEU B 217 -10.72 18.69 23.69
C LEU B 217 -11.88 17.97 23.02
N LYS B 218 -11.78 16.65 22.95
CA LYS B 218 -12.85 15.78 22.49
C LYS B 218 -13.03 14.69 23.53
NA NA C . -4.67 1.05 2.02
NA NA D . -2.29 2.83 -3.51
#